data_2RHG
#
_entry.id   2RHG
#
_cell.length_a   183.654
_cell.length_b   59.573
_cell.length_c   67.547
_cell.angle_alpha   90.00
_cell.angle_beta   94.71
_cell.angle_gamma   90.00
#
_symmetry.space_group_name_H-M   'C 1 2 1'
#
loop_
_entity.id
_entity.type
_entity.pdbx_description
1 polymer 'Tryptophan synthase alpha chain'
2 polymer 'Tryptophan synthase beta chain'
3 non-polymer 'INDOLE-3-GLYCEROL PHOSPHATE'
4 non-polymer 'SODIUM ION'
5 non-polymer "PYRIDOXAL-5'-PHOSPHATE"
6 water water
#
loop_
_entity_poly.entity_id
_entity_poly.type
_entity_poly.pdbx_seq_one_letter_code
_entity_poly.pdbx_strand_id
1 'polypeptide(L)'
;MERYENLFAQLNDRREGAFVPFVTLGDPGIEQSLKIIDTLIDAGADALELGVPFSDPLADGPTIQNANLRAFAAGVTPAQ
CFEMLALIREKHPTIPIGLLMYANLVFNNGIDAFYARCEQVGVDSVLVADVPVEESAPFRQAALRHNIAPIFICPPNADD
DLLRQVASYGRGYTYLLSRSGVTGAENRGALPLHHLIEKLKEYHAAPALQGFGISSPEQVSAAVRAGAAGAISGSAIVKI
IEKNLASPKQMLAELRSFVSAMKAASRA
;
A
2 'polypeptide(L)'
;MTTLLNPYFGEFGGMYVPQILMPALNQLEEAFVSAQKDPEFQAQFADLLKNYAGRPTALTKCQNITAGTRTTLYLKREDL
LHGGAHKTNQVLGQALLAKRMGKSEIIAETGAGQHGVASALASALLGLKCRIYMGAKDVERQSPNVFRMRLMGAEVIPVH
SGSATLKDACNEALRDWSGSYETAHYMLGTAAGPHPYPTIVREFQRMIGEETKAQILDKEGRLPDAVIACVGGGSNAIGM
FADFINDTSVGLIGVEPGGHGIETGEHGAPLKHGRVGIYFGMKAPMMQTADGQIEESYSISAGLDFPSVGPQHAYLNSIG
RADYVSITDDEALEAFKTLCRHEGIIPALESSHALAHALKMMREQPEKEQLLVVNLSGRGDKDIFTVHDILKARGEI
;
B
#
loop_
_chem_comp.id
_chem_comp.type
_chem_comp.name
_chem_comp.formula
IGP non-polymer 'INDOLE-3-GLYCEROL PHOSPHATE' 'C11 H14 N O6 P'
NA non-polymer 'SODIUM ION' 'Na 1'
PLP non-polymer PYRIDOXAL-5'-PHOSPHATE 'C8 H10 N O6 P'
#
# COMPACT_ATOMS: atom_id res chain seq x y z
N MET A 1 -24.41 -16.66 -17.65
CA MET A 1 -24.86 -17.96 -18.23
C MET A 1 -24.80 -19.07 -17.18
N GLU A 2 -24.43 -18.71 -15.95
CA GLU A 2 -24.31 -19.65 -14.86
C GLU A 2 -23.41 -20.86 -15.18
N ARG A 3 -22.21 -20.57 -15.67
CA ARG A 3 -21.27 -21.63 -16.02
C ARG A 3 -20.82 -22.37 -14.76
N TYR A 4 -20.65 -21.64 -13.66
CA TYR A 4 -20.22 -22.25 -12.40
C TYR A 4 -21.33 -23.14 -11.86
N GLU A 5 -22.56 -22.63 -11.89
CA GLU A 5 -23.72 -23.38 -11.41
C GLU A 5 -23.88 -24.64 -12.24
N ASN A 6 -23.64 -24.54 -13.55
CA ASN A 6 -23.76 -25.69 -14.43
C ASN A 6 -22.65 -26.71 -14.20
N LEU A 7 -21.42 -26.22 -14.05
CA LEU A 7 -20.28 -27.10 -13.84
C LEU A 7 -20.42 -27.93 -12.57
N PHE A 8 -20.69 -27.27 -11.45
CA PHE A 8 -20.83 -27.97 -10.19
C PHE A 8 -21.96 -28.99 -10.24
N ALA A 9 -23.02 -28.68 -10.98
CA ALA A 9 -24.15 -29.58 -11.10
C ALA A 9 -23.70 -30.88 -11.76
N GLN A 10 -23.01 -30.74 -12.90
CA GLN A 10 -22.51 -31.90 -13.64
C GLN A 10 -21.47 -32.70 -12.83
N LEU A 11 -20.59 -31.97 -12.15
CA LEU A 11 -19.55 -32.59 -11.33
C LEU A 11 -20.13 -33.39 -10.19
N ASN A 12 -21.18 -32.87 -9.57
CA ASN A 12 -21.81 -33.55 -8.46
C ASN A 12 -22.53 -34.81 -8.93
N ASP A 13 -23.11 -34.79 -10.13
CA ASP A 13 -23.80 -35.97 -10.64
C ASP A 13 -22.80 -37.09 -10.91
N ARG A 14 -21.56 -36.72 -11.19
CA ARG A 14 -20.52 -37.69 -11.45
C ARG A 14 -19.69 -37.90 -10.19
N ARG A 15 -20.18 -37.35 -9.08
CA ARG A 15 -19.52 -37.46 -7.79
C ARG A 15 -18.02 -37.19 -7.93
N GLU A 16 -17.68 -36.09 -8.60
CA GLU A 16 -16.27 -35.72 -8.79
C GLU A 16 -16.00 -34.32 -8.24
N GLY A 17 -14.72 -34.05 -7.99
CA GLY A 17 -14.34 -32.74 -7.50
C GLY A 17 -13.90 -31.89 -8.68
N ALA A 18 -13.76 -30.58 -8.47
CA ALA A 18 -13.34 -29.73 -9.56
C ALA A 18 -11.85 -29.44 -9.42
N PHE A 19 -11.16 -29.36 -10.55
CA PHE A 19 -9.74 -29.02 -10.52
C PHE A 19 -9.56 -27.78 -11.38
N VAL A 20 -9.20 -26.70 -10.72
CA VAL A 20 -9.01 -25.40 -11.35
C VAL A 20 -7.57 -24.91 -11.29
N PRO A 21 -6.86 -24.93 -12.43
CA PRO A 21 -5.47 -24.47 -12.48
C PRO A 21 -5.41 -22.95 -12.64
N PHE A 22 -4.34 -22.34 -12.16
CA PHE A 22 -4.16 -20.89 -12.30
C PHE A 22 -2.87 -20.59 -13.06
N VAL A 23 -2.95 -19.61 -13.95
CA VAL A 23 -1.80 -19.15 -14.73
C VAL A 23 -1.95 -17.67 -15.00
N THR A 24 -0.82 -17.00 -15.25
CA THR A 24 -0.82 -15.58 -15.56
C THR A 24 -0.93 -15.39 -17.07
N LEU A 25 -1.88 -14.57 -17.49
CA LEU A 25 -2.10 -14.30 -18.92
C LEU A 25 -0.87 -13.64 -19.53
N GLY A 26 -0.40 -14.18 -20.64
CA GLY A 26 0.76 -13.62 -21.30
C GLY A 26 2.10 -14.17 -20.83
N ASP A 27 2.07 -15.14 -19.94
CA ASP A 27 3.29 -15.74 -19.42
C ASP A 27 3.48 -17.10 -20.06
N PRO A 28 4.64 -17.33 -20.72
CA PRO A 28 5.72 -16.36 -20.92
C PRO A 28 5.48 -15.41 -22.09
N GLY A 29 4.37 -15.59 -22.79
CA GLY A 29 4.06 -14.72 -23.91
C GLY A 29 2.65 -14.98 -24.40
N ILE A 30 2.06 -13.98 -25.05
CA ILE A 30 0.70 -14.12 -25.56
C ILE A 30 0.48 -15.43 -26.32
N GLU A 31 1.30 -15.68 -27.34
CA GLU A 31 1.17 -16.89 -28.15
C GLU A 31 1.32 -18.18 -27.33
N GLN A 32 2.41 -18.27 -26.57
CA GLN A 32 2.68 -19.44 -25.75
C GLN A 32 1.66 -19.59 -24.62
N SER A 33 1.15 -18.48 -24.11
CA SER A 33 0.17 -18.50 -23.04
C SER A 33 -1.14 -19.13 -23.50
N LEU A 34 -1.63 -18.68 -24.66
CA LEU A 34 -2.85 -19.23 -25.21
C LEU A 34 -2.73 -20.74 -25.42
N LYS A 35 -1.54 -21.18 -25.82
CA LYS A 35 -1.32 -22.61 -26.04
C LYS A 35 -1.33 -23.34 -24.69
N ILE A 36 -0.76 -22.70 -23.66
CA ILE A 36 -0.72 -23.29 -22.33
C ILE A 36 -2.15 -23.54 -21.85
N ILE A 37 -2.98 -22.51 -21.94
CA ILE A 37 -4.37 -22.59 -21.50
C ILE A 37 -5.15 -23.66 -22.26
N ASP A 38 -4.88 -23.83 -23.56
CA ASP A 38 -5.61 -24.85 -24.30
C ASP A 38 -5.14 -26.24 -23.89
N THR A 39 -3.90 -26.34 -23.43
CA THR A 39 -3.37 -27.64 -23.00
C THR A 39 -3.97 -27.97 -21.64
N LEU A 40 -4.14 -26.95 -20.80
CA LEU A 40 -4.71 -27.13 -19.47
C LEU A 40 -6.14 -27.64 -19.58
N ILE A 41 -6.90 -27.04 -20.48
CA ILE A 41 -8.30 -27.42 -20.70
C ILE A 41 -8.42 -28.81 -21.31
N ASP A 42 -7.59 -29.09 -22.31
CA ASP A 42 -7.63 -30.39 -22.96
C ASP A 42 -7.22 -31.48 -21.98
N ALA A 43 -6.35 -31.13 -21.05
CA ALA A 43 -5.87 -32.08 -20.06
C ALA A 43 -6.96 -32.46 -19.06
N GLY A 44 -7.97 -31.62 -18.91
CA GLY A 44 -9.04 -31.93 -17.97
C GLY A 44 -9.40 -30.86 -16.95
N ALA A 45 -8.88 -29.65 -17.13
CA ALA A 45 -9.21 -28.57 -16.22
C ALA A 45 -10.71 -28.32 -16.33
N ASP A 46 -11.38 -28.24 -15.18
CA ASP A 46 -12.83 -27.98 -15.11
C ASP A 46 -13.16 -26.50 -15.21
N ALA A 47 -12.24 -25.68 -14.74
CA ALA A 47 -12.43 -24.23 -14.77
C ALA A 47 -11.05 -23.58 -14.80
N LEU A 48 -11.02 -22.28 -15.07
CA LEU A 48 -9.76 -21.57 -15.13
C LEU A 48 -9.76 -20.34 -14.24
N GLU A 49 -8.59 -20.06 -13.68
CA GLU A 49 -8.37 -18.89 -12.85
C GLU A 49 -7.21 -18.19 -13.59
N LEU A 50 -7.44 -16.98 -14.07
CA LEU A 50 -6.43 -16.26 -14.82
C LEU A 50 -6.06 -14.94 -14.18
N GLY A 51 -4.77 -14.68 -14.07
CA GLY A 51 -4.32 -13.43 -13.46
C GLY A 51 -3.89 -12.40 -14.48
N VAL A 52 -4.12 -11.11 -14.18
CA VAL A 52 -3.73 -10.03 -15.08
C VAL A 52 -2.52 -9.35 -14.46
N PRO A 53 -1.40 -9.29 -15.18
CA PRO A 53 -0.17 -8.66 -14.68
C PRO A 53 -0.40 -7.28 -14.09
N PHE A 54 0.02 -7.11 -12.84
CA PHE A 54 -0.11 -5.83 -12.15
C PHE A 54 1.26 -5.43 -11.57
N SER A 55 1.54 -4.12 -11.59
CA SER A 55 2.81 -3.60 -11.09
C SER A 55 3.13 -3.89 -9.63
N ASP A 56 2.12 -3.88 -8.76
CA ASP A 56 2.34 -4.12 -7.35
C ASP A 56 1.38 -5.14 -6.74
N PRO A 57 1.61 -6.43 -7.00
CA PRO A 57 0.76 -7.50 -6.49
C PRO A 57 1.07 -7.86 -5.03
N LEU A 58 0.28 -7.31 -4.10
CA LEU A 58 0.47 -7.56 -2.68
C LEU A 58 0.37 -9.03 -2.28
N ALA A 59 -0.80 -9.62 -2.47
CA ALA A 59 -1.04 -11.01 -2.12
C ALA A 59 -0.54 -12.00 -3.16
N ASP A 60 0.53 -11.65 -3.85
CA ASP A 60 1.08 -12.52 -4.88
C ASP A 60 2.32 -13.25 -4.38
N GLY A 61 2.30 -14.58 -4.47
CA GLY A 61 3.44 -15.37 -4.03
C GLY A 61 4.66 -15.14 -4.90
N PRO A 62 5.83 -15.65 -4.50
CA PRO A 62 7.06 -15.48 -5.29
C PRO A 62 6.96 -16.07 -6.69
N THR A 63 6.53 -17.32 -6.79
CA THR A 63 6.40 -17.99 -8.08
C THR A 63 5.46 -17.22 -9.00
N ILE A 64 4.39 -16.68 -8.43
CA ILE A 64 3.42 -15.92 -9.22
C ILE A 64 4.01 -14.58 -9.67
N GLN A 65 4.77 -13.94 -8.80
CA GLN A 65 5.38 -12.66 -9.12
C GLN A 65 6.32 -12.76 -10.31
N ASN A 66 7.09 -13.85 -10.39
CA ASN A 66 8.01 -14.04 -11.50
C ASN A 66 7.22 -14.16 -12.80
N ALA A 67 6.03 -14.75 -12.71
CA ALA A 67 5.17 -14.92 -13.87
C ALA A 67 4.76 -13.56 -14.41
N ASN A 68 4.49 -12.62 -13.50
CA ASN A 68 4.09 -11.27 -13.89
C ASN A 68 5.24 -10.56 -14.59
N LEU A 69 6.46 -10.77 -14.10
CA LEU A 69 7.63 -10.15 -14.70
C LEU A 69 7.83 -10.66 -16.12
N ARG A 70 7.64 -11.97 -16.31
CA ARG A 70 7.78 -12.56 -17.62
C ARG A 70 6.71 -12.01 -18.55
N ALA A 71 5.51 -11.80 -18.01
CA ALA A 71 4.41 -11.27 -18.80
C ALA A 71 4.72 -9.83 -19.22
N PHE A 72 5.08 -8.99 -18.26
CA PHE A 72 5.42 -7.60 -18.54
C PHE A 72 6.58 -7.51 -19.52
N ALA A 73 7.59 -8.37 -19.32
CA ALA A 73 8.75 -8.40 -20.19
C ALA A 73 8.33 -8.71 -21.61
N ALA A 74 7.25 -9.47 -21.75
CA ALA A 74 6.74 -9.82 -23.07
C ALA A 74 5.95 -8.66 -23.65
N GLY A 75 5.68 -7.65 -22.84
CA GLY A 75 4.93 -6.50 -23.31
C GLY A 75 3.43 -6.64 -23.13
N VAL A 76 3.03 -7.58 -22.28
CA VAL A 76 1.62 -7.82 -21.99
C VAL A 76 0.97 -6.64 -21.26
N THR A 77 -0.25 -6.30 -21.65
CA THR A 77 -0.99 -5.20 -21.05
C THR A 77 -2.42 -5.64 -20.77
N PRO A 78 -3.11 -4.96 -19.85
CA PRO A 78 -4.50 -5.33 -19.54
C PRO A 78 -5.35 -5.43 -20.81
N ALA A 79 -5.15 -4.50 -21.75
CA ALA A 79 -5.89 -4.48 -22.99
C ALA A 79 -5.67 -5.76 -23.79
N GLN A 80 -4.43 -6.25 -23.78
CA GLN A 80 -4.11 -7.47 -24.51
C GLN A 80 -4.71 -8.68 -23.81
N CYS A 81 -4.83 -8.59 -22.48
CA CYS A 81 -5.40 -9.69 -21.72
C CYS A 81 -6.86 -9.91 -22.12
N PHE A 82 -7.61 -8.82 -22.23
CA PHE A 82 -9.01 -8.94 -22.62
C PHE A 82 -9.16 -9.51 -24.02
N GLU A 83 -8.16 -9.28 -24.87
CA GLU A 83 -8.17 -9.79 -26.23
C GLU A 83 -7.99 -11.30 -26.15
N MET A 84 -7.11 -11.75 -25.25
CA MET A 84 -6.88 -13.18 -25.07
C MET A 84 -8.14 -13.82 -24.50
N LEU A 85 -8.72 -13.18 -23.49
CA LEU A 85 -9.91 -13.68 -22.85
C LEU A 85 -11.05 -13.93 -23.84
N ALA A 86 -11.22 -13.02 -24.79
CA ALA A 86 -12.27 -13.17 -25.80
C ALA A 86 -11.95 -14.38 -26.68
N LEU A 87 -10.67 -14.55 -27.00
CA LEU A 87 -10.23 -15.67 -27.82
C LEU A 87 -10.46 -16.99 -27.10
N ILE A 88 -10.14 -17.03 -25.81
CA ILE A 88 -10.32 -18.24 -25.01
C ILE A 88 -11.80 -18.63 -24.94
N ARG A 89 -12.66 -17.66 -24.68
CA ARG A 89 -14.10 -17.92 -24.59
C ARG A 89 -14.67 -18.42 -25.93
N GLU A 90 -14.14 -17.90 -27.03
CA GLU A 90 -14.62 -18.29 -28.36
C GLU A 90 -14.32 -19.75 -28.69
N LYS A 91 -13.26 -20.30 -28.08
CA LYS A 91 -12.89 -21.67 -28.32
C LYS A 91 -13.51 -22.64 -27.32
N HIS A 92 -13.87 -22.11 -26.16
CA HIS A 92 -14.45 -22.89 -25.06
C HIS A 92 -15.64 -22.18 -24.46
N PRO A 93 -16.86 -22.49 -24.94
CA PRO A 93 -18.10 -21.86 -24.46
C PRO A 93 -18.64 -22.20 -23.07
N THR A 94 -18.30 -23.36 -22.51
CA THR A 94 -18.84 -23.75 -21.21
C THR A 94 -17.90 -23.69 -20.02
N ILE A 95 -16.60 -23.75 -20.28
CA ILE A 95 -15.63 -23.73 -19.19
C ILE A 95 -15.71 -22.41 -18.43
N PRO A 96 -15.84 -22.47 -17.10
CA PRO A 96 -15.93 -21.25 -16.28
C PRO A 96 -14.57 -20.56 -16.28
N ILE A 97 -14.56 -19.25 -16.51
CA ILE A 97 -13.33 -18.48 -16.52
C ILE A 97 -13.36 -17.41 -15.43
N GLY A 98 -12.45 -17.54 -14.46
CA GLY A 98 -12.39 -16.56 -13.38
C GLY A 98 -11.12 -15.75 -13.43
N LEU A 99 -11.22 -14.46 -13.12
CA LEU A 99 -10.05 -13.59 -13.12
C LEU A 99 -9.57 -13.26 -11.73
N LEU A 100 -8.25 -13.15 -11.60
CA LEU A 100 -7.63 -12.80 -10.33
C LEU A 100 -7.08 -11.40 -10.60
N MET A 101 -7.76 -10.40 -10.05
CA MET A 101 -7.42 -9.00 -10.25
C MET A 101 -6.94 -8.25 -9.00
N TYR A 102 -6.39 -7.06 -9.24
CA TYR A 102 -5.95 -6.21 -8.17
C TYR A 102 -6.82 -4.98 -8.32
N ALA A 103 -7.19 -4.38 -7.18
CA ALA A 103 -8.09 -3.22 -7.15
C ALA A 103 -7.86 -2.11 -8.15
N ASN A 104 -6.63 -1.61 -8.25
CA ASN A 104 -6.40 -0.51 -9.16
C ASN A 104 -6.77 -0.77 -10.62
N LEU A 105 -6.51 -1.98 -11.10
CA LEU A 105 -6.81 -2.33 -12.48
C LEU A 105 -8.31 -2.37 -12.73
N VAL A 106 -9.09 -2.57 -11.68
CA VAL A 106 -10.54 -2.63 -11.82
C VAL A 106 -11.12 -1.21 -11.66
N PHE A 107 -10.59 -0.47 -10.70
CA PHE A 107 -11.05 0.89 -10.42
C PHE A 107 -10.55 1.91 -11.46
N ASN A 108 -9.38 1.62 -12.05
CA ASN A 108 -8.74 2.50 -13.03
C ASN A 108 -9.66 3.30 -13.94
N ASN A 109 -10.26 2.65 -14.93
CA ASN A 109 -11.15 3.34 -15.85
C ASN A 109 -12.62 3.19 -15.48
N GLY A 110 -12.89 3.05 -14.18
CA GLY A 110 -14.26 2.89 -13.71
C GLY A 110 -14.59 1.44 -13.39
N ILE A 111 -15.06 1.22 -12.16
CA ILE A 111 -15.42 -0.11 -11.69
C ILE A 111 -16.50 -0.75 -12.56
N ASP A 112 -17.57 0.00 -12.79
CA ASP A 112 -18.66 -0.51 -13.60
C ASP A 112 -18.22 -0.85 -15.02
N ALA A 113 -17.32 -0.03 -15.57
CA ALA A 113 -16.82 -0.24 -16.92
C ALA A 113 -15.96 -1.50 -17.03
N PHE A 114 -15.23 -1.82 -15.96
CA PHE A 114 -14.38 -3.00 -15.98
C PHE A 114 -15.26 -4.26 -16.06
N TYR A 115 -16.26 -4.36 -15.19
CA TYR A 115 -17.14 -5.54 -15.19
C TYR A 115 -17.97 -5.65 -16.46
N ALA A 116 -18.23 -4.50 -17.10
CA ALA A 116 -18.98 -4.51 -18.34
C ALA A 116 -18.09 -5.20 -19.38
N ARG A 117 -16.80 -4.89 -19.34
CA ARG A 117 -15.84 -5.50 -20.27
C ARG A 117 -15.71 -7.01 -20.03
N CYS A 118 -15.75 -7.43 -18.76
CA CYS A 118 -15.65 -8.86 -18.44
C CYS A 118 -16.83 -9.61 -19.04
N GLU A 119 -18.03 -9.04 -18.87
CA GLU A 119 -19.24 -9.65 -19.39
C GLU A 119 -19.21 -9.70 -20.90
N GLN A 120 -18.53 -8.73 -21.51
CA GLN A 120 -18.45 -8.68 -22.96
C GLN A 120 -17.55 -9.77 -23.53
N VAL A 121 -16.44 -10.07 -22.85
CA VAL A 121 -15.52 -11.11 -23.31
C VAL A 121 -15.91 -12.50 -22.85
N GLY A 122 -16.81 -12.58 -21.87
CA GLY A 122 -17.24 -13.90 -21.42
C GLY A 122 -16.74 -14.37 -20.07
N VAL A 123 -16.12 -13.48 -19.32
CA VAL A 123 -15.61 -13.81 -18.00
C VAL A 123 -16.78 -14.20 -17.11
N ASP A 124 -16.54 -15.15 -16.21
CA ASP A 124 -17.58 -15.63 -15.30
C ASP A 124 -17.43 -15.11 -13.87
N SER A 125 -16.20 -14.93 -13.44
CA SER A 125 -15.98 -14.45 -12.08
C SER A 125 -14.76 -13.56 -11.95
N VAL A 126 -14.73 -12.79 -10.87
CA VAL A 126 -13.60 -11.90 -10.61
C VAL A 126 -13.33 -11.89 -9.12
N LEU A 127 -12.06 -12.10 -8.78
CA LEU A 127 -11.63 -12.08 -7.38
C LEU A 127 -10.65 -10.92 -7.30
N VAL A 128 -11.00 -9.91 -6.50
CA VAL A 128 -10.12 -8.76 -6.32
C VAL A 128 -9.32 -9.06 -5.06
N ALA A 129 -8.06 -9.43 -5.26
CA ALA A 129 -7.15 -9.82 -4.18
C ALA A 129 -7.02 -8.85 -3.01
N ASP A 130 -6.94 -7.55 -3.29
CA ASP A 130 -6.78 -6.56 -2.23
C ASP A 130 -8.05 -5.81 -1.81
N VAL A 131 -9.19 -6.46 -2.00
CA VAL A 131 -10.46 -5.87 -1.62
C VAL A 131 -11.16 -6.81 -0.66
N PRO A 132 -11.12 -6.50 0.64
CA PRO A 132 -11.75 -7.33 1.68
C PRO A 132 -13.26 -7.18 1.61
N VAL A 133 -14.00 -8.06 2.29
CA VAL A 133 -15.45 -7.99 2.23
C VAL A 133 -15.98 -6.65 2.73
N GLU A 134 -15.21 -6.01 3.61
CA GLU A 134 -15.61 -4.73 4.17
C GLU A 134 -15.56 -3.59 3.16
N GLU A 135 -14.80 -3.77 2.08
CA GLU A 135 -14.66 -2.74 1.06
C GLU A 135 -15.17 -3.22 -0.30
N SER A 136 -15.90 -4.32 -0.31
CA SER A 136 -16.38 -4.92 -1.55
C SER A 136 -17.65 -4.36 -2.18
N ALA A 137 -18.47 -3.67 -1.40
CA ALA A 137 -19.75 -3.15 -1.91
C ALA A 137 -19.77 -2.68 -3.37
N PRO A 138 -18.99 -1.65 -3.72
CA PRO A 138 -19.04 -1.22 -5.12
C PRO A 138 -18.61 -2.25 -6.16
N PHE A 139 -17.67 -3.12 -5.79
CA PHE A 139 -17.18 -4.14 -6.72
C PHE A 139 -18.20 -5.26 -6.96
N ARG A 140 -18.77 -5.79 -5.90
CA ARG A 140 -19.72 -6.88 -6.07
C ARG A 140 -21.07 -6.44 -6.65
N GLN A 141 -21.45 -5.19 -6.38
CA GLN A 141 -22.69 -4.64 -6.91
C GLN A 141 -22.53 -4.49 -8.43
N ALA A 142 -21.37 -3.99 -8.85
CA ALA A 142 -21.10 -3.81 -10.26
C ALA A 142 -20.96 -5.17 -10.94
N ALA A 143 -20.36 -6.14 -10.25
CA ALA A 143 -20.17 -7.48 -10.80
C ALA A 143 -21.52 -8.14 -11.06
N LEU A 144 -22.40 -8.10 -10.07
CA LEU A 144 -23.72 -8.69 -10.20
C LEU A 144 -24.53 -8.01 -11.31
N ARG A 145 -24.42 -6.69 -11.44
CA ARG A 145 -25.14 -5.99 -12.50
C ARG A 145 -24.70 -6.49 -13.87
N HIS A 146 -23.45 -6.93 -13.98
CA HIS A 146 -22.98 -7.42 -15.27
C HIS A 146 -22.84 -8.95 -15.32
N ASN A 147 -23.63 -9.62 -14.48
CA ASN A 147 -23.64 -11.08 -14.45
C ASN A 147 -22.29 -11.71 -14.19
N ILE A 148 -21.46 -11.03 -13.41
CA ILE A 148 -20.15 -11.54 -13.06
C ILE A 148 -20.20 -11.93 -11.59
N ALA A 149 -19.69 -13.12 -11.28
CA ALA A 149 -19.67 -13.62 -9.93
C ALA A 149 -18.52 -13.02 -9.12
N PRO A 150 -18.84 -12.34 -8.01
CA PRO A 150 -17.80 -11.74 -7.17
C PRO A 150 -17.29 -12.82 -6.22
N ILE A 151 -16.02 -13.20 -6.38
CA ILE A 151 -15.39 -14.25 -5.57
C ILE A 151 -14.68 -13.70 -4.34
N PHE A 152 -14.89 -14.33 -3.20
CA PHE A 152 -14.25 -13.91 -1.98
C PHE A 152 -13.42 -14.99 -1.33
N ILE A 153 -12.30 -14.57 -0.73
CA ILE A 153 -11.41 -15.51 -0.05
C ILE A 153 -11.83 -15.68 1.40
N CYS A 154 -11.92 -16.93 1.85
CA CYS A 154 -12.27 -17.21 3.22
C CYS A 154 -10.98 -17.71 3.88
N PRO A 155 -10.33 -16.85 4.68
CA PRO A 155 -9.09 -17.17 5.36
C PRO A 155 -9.26 -18.21 6.47
N PRO A 156 -8.15 -18.83 6.90
CA PRO A 156 -8.23 -19.84 7.97
C PRO A 156 -8.51 -19.20 9.32
N ASN A 157 -8.11 -17.93 9.47
CA ASN A 157 -8.33 -17.19 10.71
C ASN A 157 -9.60 -16.37 10.63
N ALA A 158 -10.61 -16.92 9.94
CA ALA A 158 -11.89 -16.25 9.78
C ALA A 158 -12.87 -16.63 10.88
N ASP A 159 -13.59 -15.64 11.40
CA ASP A 159 -14.57 -15.88 12.45
C ASP A 159 -15.94 -16.14 11.84
N ASP A 160 -16.96 -16.29 12.68
CA ASP A 160 -18.31 -16.58 12.23
C ASP A 160 -18.94 -15.46 11.38
N ASP A 161 -18.70 -14.22 11.78
CA ASP A 161 -19.27 -13.07 11.06
C ASP A 161 -18.71 -12.95 9.64
N LEU A 162 -17.48 -13.38 9.46
CA LEU A 162 -16.86 -13.31 8.14
C LEU A 162 -17.44 -14.43 7.27
N LEU A 163 -17.70 -15.58 7.88
CA LEU A 163 -18.28 -16.71 7.17
C LEU A 163 -19.63 -16.34 6.60
N ARG A 164 -20.43 -15.63 7.39
CA ARG A 164 -21.75 -15.20 6.95
C ARG A 164 -21.67 -14.22 5.80
N GLN A 165 -20.75 -13.26 5.90
CA GLN A 165 -20.57 -12.27 4.83
C GLN A 165 -20.14 -12.98 3.55
N VAL A 166 -19.04 -13.73 3.62
CA VAL A 166 -18.54 -14.46 2.46
C VAL A 166 -19.66 -15.32 1.85
N ALA A 167 -20.48 -15.90 2.71
CA ALA A 167 -21.58 -16.74 2.22
C ALA A 167 -22.67 -15.91 1.54
N SER A 168 -22.91 -14.72 2.08
CA SER A 168 -23.93 -13.86 1.52
C SER A 168 -23.50 -13.05 0.31
N TYR A 169 -22.26 -12.57 0.31
CA TYR A 169 -21.75 -11.75 -0.79
C TYR A 169 -21.15 -12.53 -1.95
N GLY A 170 -20.62 -13.72 -1.65
CA GLY A 170 -20.01 -14.54 -2.69
C GLY A 170 -20.97 -15.18 -3.66
N ARG A 171 -20.45 -15.48 -4.85
CA ARG A 171 -21.22 -16.14 -5.92
C ARG A 171 -20.24 -17.00 -6.70
N GLY A 172 -20.75 -17.92 -7.51
CA GLY A 172 -19.87 -18.78 -8.30
C GLY A 172 -19.22 -19.85 -7.42
N TYR A 173 -18.19 -19.47 -6.69
CA TYR A 173 -17.51 -20.39 -5.80
C TYR A 173 -16.85 -19.60 -4.69
N THR A 174 -16.56 -20.27 -3.58
CA THR A 174 -15.91 -19.63 -2.44
C THR A 174 -14.44 -20.06 -2.46
N TYR A 175 -13.51 -19.11 -2.44
CA TYR A 175 -12.10 -19.46 -2.45
C TYR A 175 -11.66 -19.80 -1.03
N LEU A 176 -11.57 -21.09 -0.73
CA LEU A 176 -11.16 -21.53 0.60
C LEU A 176 -9.65 -21.58 0.71
N LEU A 177 -9.10 -20.67 1.49
CA LEU A 177 -7.65 -20.59 1.68
C LEU A 177 -7.15 -21.59 2.71
N SER A 178 -6.19 -22.42 2.30
CA SER A 178 -5.61 -23.43 3.18
C SER A 178 -4.67 -22.80 4.19
N LEU A 196 -15.14 -26.00 8.76
CA LEU A 196 -15.29 -24.70 8.14
C LEU A 196 -16.09 -24.84 6.85
N ILE A 197 -15.97 -26.01 6.22
CA ILE A 197 -16.70 -26.27 4.99
C ILE A 197 -18.17 -26.50 5.32
N GLU A 198 -18.43 -27.05 6.51
CA GLU A 198 -19.80 -27.33 6.96
C GLU A 198 -20.52 -26.02 7.25
N LYS A 199 -19.82 -25.10 7.91
CA LYS A 199 -20.41 -23.81 8.25
C LYS A 199 -20.78 -23.06 6.97
N LEU A 200 -19.89 -23.12 5.98
CA LEU A 200 -20.13 -22.45 4.70
C LEU A 200 -21.39 -23.01 4.04
N LYS A 201 -21.52 -24.33 4.02
CA LYS A 201 -22.68 -24.97 3.43
C LYS A 201 -23.90 -24.66 4.27
N GLU A 202 -23.69 -24.49 5.58
CA GLU A 202 -24.78 -24.17 6.50
C GLU A 202 -25.37 -22.82 6.13
N TYR A 203 -24.51 -21.89 5.70
CA TYR A 203 -24.96 -20.57 5.31
C TYR A 203 -25.21 -20.47 3.81
N HIS A 204 -25.29 -21.62 3.16
CA HIS A 204 -25.55 -21.67 1.72
C HIS A 204 -24.56 -20.89 0.87
N ALA A 205 -23.28 -20.98 1.21
CA ALA A 205 -22.24 -20.30 0.47
C ALA A 205 -22.03 -20.99 -0.88
N ALA A 206 -21.40 -20.29 -1.82
CA ALA A 206 -21.13 -20.89 -3.14
C ALA A 206 -20.15 -22.04 -2.91
N PRO A 207 -20.19 -23.09 -3.76
CA PRO A 207 -19.30 -24.25 -3.63
C PRO A 207 -17.86 -23.84 -3.32
N ALA A 208 -17.26 -24.48 -2.31
CA ALA A 208 -15.88 -24.14 -1.93
C ALA A 208 -14.81 -24.83 -2.75
N LEU A 209 -13.75 -24.07 -3.04
CA LEU A 209 -12.60 -24.61 -3.77
C LEU A 209 -11.38 -24.29 -2.91
N GLN A 210 -10.67 -25.33 -2.48
CA GLN A 210 -9.51 -25.13 -1.64
C GLN A 210 -8.30 -24.73 -2.47
N GLY A 211 -7.63 -23.66 -2.05
CA GLY A 211 -6.45 -23.17 -2.75
C GLY A 211 -5.27 -22.96 -1.83
N PHE A 212 -4.07 -22.79 -2.41
CA PHE A 212 -2.83 -22.59 -1.66
C PHE A 212 -2.19 -23.90 -1.20
N GLY A 213 -1.05 -24.23 -1.80
CA GLY A 213 -0.35 -25.44 -1.44
C GLY A 213 -0.75 -26.67 -2.23
N ILE A 214 -1.83 -26.58 -3.00
CA ILE A 214 -2.29 -27.72 -3.79
C ILE A 214 -1.35 -28.01 -4.95
N SER A 215 -0.53 -29.05 -4.80
CA SER A 215 0.42 -29.43 -5.85
C SER A 215 0.51 -30.94 -6.08
N SER A 216 -0.17 -31.73 -5.27
CA SER A 216 -0.12 -33.19 -5.44
C SER A 216 -1.52 -33.80 -5.58
N PRO A 217 -1.62 -34.94 -6.29
CA PRO A 217 -2.91 -35.60 -6.47
C PRO A 217 -3.64 -35.92 -5.17
N GLU A 218 -2.90 -36.33 -4.15
CA GLU A 218 -3.50 -36.69 -2.87
C GLU A 218 -4.18 -35.50 -2.19
N GLN A 219 -3.64 -34.30 -2.40
CA GLN A 219 -4.23 -33.10 -1.81
C GLN A 219 -5.60 -32.83 -2.42
N VAL A 220 -5.74 -33.08 -3.72
CA VAL A 220 -7.02 -32.87 -4.39
C VAL A 220 -8.07 -33.85 -3.85
N SER A 221 -7.68 -35.09 -3.60
CA SER A 221 -8.63 -36.07 -3.07
C SER A 221 -9.02 -35.69 -1.64
N ALA A 222 -8.02 -35.30 -0.85
CA ALA A 222 -8.22 -34.92 0.54
C ALA A 222 -9.18 -33.73 0.63
N ALA A 223 -9.06 -32.82 -0.33
CA ALA A 223 -9.91 -31.64 -0.37
C ALA A 223 -11.36 -32.06 -0.62
N VAL A 224 -11.56 -32.88 -1.65
CA VAL A 224 -12.88 -33.35 -1.99
C VAL A 224 -13.48 -34.17 -0.85
N ARG A 225 -12.63 -34.90 -0.14
CA ARG A 225 -13.08 -35.73 0.97
C ARG A 225 -13.40 -34.86 2.18
N ALA A 226 -12.76 -33.70 2.27
CA ALA A 226 -13.01 -32.78 3.37
C ALA A 226 -14.38 -32.12 3.24
N GLY A 227 -14.92 -32.12 2.04
CA GLY A 227 -16.22 -31.51 1.81
C GLY A 227 -16.21 -30.40 0.77
N ALA A 228 -15.04 -30.10 0.22
CA ALA A 228 -14.91 -29.05 -0.79
C ALA A 228 -15.36 -29.55 -2.16
N ALA A 229 -15.78 -28.62 -3.01
CA ALA A 229 -16.25 -28.95 -4.36
C ALA A 229 -15.07 -29.13 -5.31
N GLY A 230 -13.89 -28.73 -4.85
CA GLY A 230 -12.71 -28.85 -5.68
C GLY A 230 -11.47 -28.20 -5.08
N ALA A 231 -10.45 -28.06 -5.91
CA ALA A 231 -9.20 -27.48 -5.50
C ALA A 231 -8.60 -26.64 -6.61
N ILE A 232 -7.86 -25.61 -6.22
CA ILE A 232 -7.19 -24.71 -7.16
C ILE A 232 -5.69 -24.87 -6.97
N SER A 233 -4.96 -24.85 -8.07
CA SER A 233 -3.51 -25.00 -8.02
C SER A 233 -2.88 -23.95 -8.93
N GLY A 234 -1.95 -23.19 -8.37
CA GLY A 234 -1.29 -22.14 -9.14
C GLY A 234 0.21 -22.28 -9.18
N SER A 235 0.86 -22.10 -8.03
CA SER A 235 2.31 -22.19 -7.96
C SER A 235 2.87 -23.41 -8.69
N ALA A 236 2.28 -24.58 -8.42
CA ALA A 236 2.73 -25.81 -9.05
C ALA A 236 2.65 -25.68 -10.57
N ILE A 237 1.53 -25.17 -11.06
CA ILE A 237 1.33 -25.01 -12.49
C ILE A 237 2.36 -24.06 -13.08
N VAL A 238 2.51 -22.90 -12.47
CA VAL A 238 3.45 -21.88 -12.93
C VAL A 238 4.88 -22.40 -12.91
N LYS A 239 5.22 -23.18 -11.89
CA LYS A 239 6.57 -23.72 -11.77
C LYS A 239 6.99 -24.53 -13.00
N ILE A 240 6.05 -25.28 -13.56
CA ILE A 240 6.33 -26.09 -14.74
C ILE A 240 6.69 -25.20 -15.92
N ILE A 241 6.06 -24.03 -15.99
CA ILE A 241 6.34 -23.07 -17.05
C ILE A 241 7.71 -22.44 -16.80
N GLU A 242 7.96 -22.10 -15.54
CA GLU A 242 9.19 -21.47 -15.11
C GLU A 242 10.43 -22.33 -15.35
N LYS A 243 10.24 -23.63 -15.50
CA LYS A 243 11.37 -24.54 -15.71
C LYS A 243 11.43 -25.18 -17.09
N ASN A 244 10.73 -24.60 -18.05
CA ASN A 244 10.72 -25.14 -19.41
C ASN A 244 10.60 -24.01 -20.43
N LEU A 245 11.07 -22.83 -20.05
CA LEU A 245 11.00 -21.68 -20.94
C LEU A 245 11.77 -21.92 -22.23
N ALA A 246 12.89 -22.65 -22.12
CA ALA A 246 13.74 -22.93 -23.28
C ALA A 246 13.25 -24.15 -24.07
N SER A 247 12.13 -24.72 -23.64
CA SER A 247 11.58 -25.89 -24.32
C SER A 247 10.05 -25.83 -24.30
N PRO A 248 9.46 -24.99 -25.15
CA PRO A 248 8.00 -24.83 -25.23
C PRO A 248 7.24 -26.14 -25.33
N LYS A 249 7.76 -27.07 -26.14
CA LYS A 249 7.11 -28.37 -26.34
C LYS A 249 7.07 -29.20 -25.06
N GLN A 250 8.21 -29.30 -24.39
CA GLN A 250 8.30 -30.07 -23.17
C GLN A 250 7.41 -29.44 -22.10
N MET A 251 7.24 -28.11 -22.18
CA MET A 251 6.42 -27.36 -21.24
C MET A 251 4.98 -27.85 -21.28
N LEU A 252 4.39 -27.83 -22.48
CA LEU A 252 3.03 -28.28 -22.66
C LEU A 252 2.90 -29.74 -22.25
N ALA A 253 3.90 -30.54 -22.60
CA ALA A 253 3.91 -31.95 -22.27
C ALA A 253 3.82 -32.18 -20.77
N GLU A 254 4.67 -31.49 -20.01
CA GLU A 254 4.65 -31.64 -18.57
C GLU A 254 3.38 -31.08 -17.95
N LEU A 255 2.85 -30.00 -18.53
CA LEU A 255 1.62 -29.40 -18.01
C LEU A 255 0.46 -30.38 -18.16
N ARG A 256 0.40 -31.04 -19.32
CA ARG A 256 -0.66 -32.01 -19.57
C ARG A 256 -0.63 -33.14 -18.57
N SER A 257 0.57 -33.63 -18.25
CA SER A 257 0.71 -34.73 -17.29
C SER A 257 0.25 -34.35 -15.90
N PHE A 258 0.72 -33.19 -15.43
CA PHE A 258 0.35 -32.71 -14.12
C PHE A 258 -1.16 -32.58 -14.00
N VAL A 259 -1.74 -31.80 -14.90
CA VAL A 259 -3.19 -31.56 -14.91
C VAL A 259 -3.99 -32.85 -15.00
N SER A 260 -3.55 -33.75 -15.86
CA SER A 260 -4.23 -35.02 -16.04
C SER A 260 -4.27 -35.82 -14.74
N ALA A 261 -3.16 -35.81 -14.00
CA ALA A 261 -3.06 -36.54 -12.74
C ALA A 261 -3.92 -35.90 -11.66
N MET A 262 -3.85 -34.57 -11.57
CA MET A 262 -4.62 -33.83 -10.58
C MET A 262 -6.11 -34.00 -10.78
N LYS A 263 -6.54 -33.97 -12.03
CA LYS A 263 -7.96 -34.13 -12.36
C LYS A 263 -8.42 -35.55 -12.09
N ALA A 264 -7.56 -36.51 -12.35
CA ALA A 264 -7.90 -37.91 -12.12
C ALA A 264 -8.14 -38.15 -10.64
N ALA A 265 -7.48 -37.37 -9.79
CA ALA A 265 -7.65 -37.51 -8.34
C ALA A 265 -8.97 -36.98 -7.84
N SER A 266 -9.62 -36.14 -8.64
CA SER A 266 -10.90 -35.55 -8.24
C SER A 266 -12.09 -36.46 -8.57
N ARG A 267 -11.86 -37.44 -9.45
CA ARG A 267 -12.90 -38.38 -9.85
C ARG A 267 -13.18 -39.40 -8.75
N THR B 2 -16.49 -3.22 9.79
CA THR B 2 -16.75 -2.66 11.15
C THR B 2 -15.46 -2.26 11.85
N THR B 3 -15.32 -0.96 12.13
CA THR B 3 -14.14 -0.45 12.82
C THR B 3 -14.54 0.56 13.89
N LEU B 4 -13.62 0.86 14.80
CA LEU B 4 -13.86 1.83 15.87
C LEU B 4 -13.71 3.26 15.38
N LEU B 5 -12.81 3.46 14.42
CA LEU B 5 -12.57 4.79 13.86
C LEU B 5 -12.92 4.84 12.38
N ASN B 6 -13.28 6.01 11.89
CA ASN B 6 -13.63 6.17 10.47
C ASN B 6 -12.37 5.92 9.65
N PRO B 7 -12.38 4.91 8.76
CA PRO B 7 -11.20 4.59 7.94
C PRO B 7 -10.98 5.57 6.78
N TYR B 8 -11.95 6.45 6.55
CA TYR B 8 -11.86 7.39 5.45
C TYR B 8 -11.76 8.88 5.79
N PHE B 9 -11.21 9.61 4.84
CA PHE B 9 -11.05 11.05 4.90
C PHE B 9 -11.74 11.43 3.59
N GLY B 10 -13.02 11.76 3.67
CA GLY B 10 -13.76 12.05 2.46
C GLY B 10 -13.77 10.73 1.71
N GLU B 11 -13.40 10.76 0.45
CA GLU B 11 -13.37 9.56 -0.37
C GLU B 11 -12.05 8.79 -0.31
N PHE B 12 -11.06 9.38 0.34
CA PHE B 12 -9.73 8.79 0.42
C PHE B 12 -9.52 7.98 1.71
N GLY B 13 -8.72 6.90 1.61
CA GLY B 13 -8.43 6.07 2.77
C GLY B 13 -8.87 4.63 2.59
N GLY B 14 -9.51 4.06 3.60
CA GLY B 14 -9.97 2.69 3.52
C GLY B 14 -8.93 1.67 3.94
N MET B 15 -9.25 0.40 3.72
CA MET B 15 -8.38 -0.71 4.06
C MET B 15 -8.40 -1.72 2.92
N TYR B 16 -7.74 -1.37 1.81
CA TYR B 16 -7.71 -2.26 0.65
C TYR B 16 -6.56 -3.25 0.71
N VAL B 17 -6.69 -4.22 1.61
CA VAL B 17 -5.68 -5.26 1.76
C VAL B 17 -6.35 -6.63 1.71
N PRO B 18 -5.58 -7.69 1.44
CA PRO B 18 -6.15 -9.04 1.38
C PRO B 18 -6.89 -9.31 2.67
N GLN B 19 -7.97 -10.10 2.58
CA GLN B 19 -8.78 -10.46 3.74
C GLN B 19 -7.95 -10.98 4.93
N ILE B 20 -6.94 -11.76 4.61
CA ILE B 20 -6.10 -12.35 5.65
C ILE B 20 -5.41 -11.33 6.56
N LEU B 21 -5.28 -10.08 6.11
CA LEU B 21 -4.63 -9.04 6.91
C LEU B 21 -5.59 -8.16 7.72
N MET B 22 -6.90 -8.37 7.57
CA MET B 22 -7.84 -7.55 8.31
C MET B 22 -7.74 -7.72 9.83
N PRO B 23 -7.60 -8.96 10.31
CA PRO B 23 -7.51 -9.14 11.78
C PRO B 23 -6.37 -8.31 12.39
N ALA B 24 -5.25 -8.25 11.67
CA ALA B 24 -4.10 -7.49 12.14
C ALA B 24 -4.43 -6.00 12.22
N LEU B 25 -5.11 -5.49 11.20
CA LEU B 25 -5.47 -4.08 11.18
C LEU B 25 -6.48 -3.77 12.26
N ASN B 26 -7.50 -4.62 12.40
CA ASN B 26 -8.51 -4.42 13.43
C ASN B 26 -7.90 -4.45 14.83
N GLN B 27 -7.00 -5.40 15.06
CA GLN B 27 -6.32 -5.52 16.35
C GLN B 27 -5.53 -4.24 16.65
N LEU B 28 -4.81 -3.77 15.63
CA LEU B 28 -4.01 -2.56 15.77
C LEU B 28 -4.86 -1.36 16.14
N GLU B 29 -5.98 -1.16 15.45
CA GLU B 29 -6.86 -0.04 15.73
C GLU B 29 -7.38 -0.12 17.16
N GLU B 30 -7.77 -1.32 17.58
CA GLU B 30 -8.29 -1.49 18.92
C GLU B 30 -7.22 -1.16 19.98
N ALA B 31 -6.01 -1.65 19.79
CA ALA B 31 -4.95 -1.38 20.75
C ALA B 31 -4.65 0.13 20.78
N PHE B 32 -4.64 0.75 19.60
CA PHE B 32 -4.38 2.19 19.51
C PHE B 32 -5.44 2.98 20.26
N VAL B 33 -6.70 2.63 20.06
CA VAL B 33 -7.79 3.33 20.72
C VAL B 33 -7.63 3.22 22.24
N SER B 34 -7.20 2.05 22.70
CA SER B 34 -7.00 1.83 24.13
C SER B 34 -5.82 2.64 24.66
N ALA B 35 -4.70 2.55 23.95
CA ALA B 35 -3.48 3.26 24.34
C ALA B 35 -3.72 4.77 24.41
N GLN B 36 -4.52 5.29 23.49
CA GLN B 36 -4.81 6.71 23.46
C GLN B 36 -5.57 7.18 24.69
N LYS B 37 -6.36 6.29 25.29
CA LYS B 37 -7.13 6.65 26.48
C LYS B 37 -6.39 6.26 27.76
N ASP B 38 -5.26 5.58 27.60
CA ASP B 38 -4.48 5.14 28.75
C ASP B 38 -3.41 6.13 29.18
N PRO B 39 -3.60 6.78 30.34
CA PRO B 39 -2.64 7.75 30.87
C PRO B 39 -1.23 7.18 31.00
N GLU B 40 -1.16 5.90 31.36
CA GLU B 40 0.12 5.21 31.53
C GLU B 40 0.89 5.17 30.21
N PHE B 41 0.18 4.96 29.11
CA PHE B 41 0.80 4.90 27.80
C PHE B 41 1.35 6.27 27.45
N GLN B 42 0.52 7.29 27.63
CA GLN B 42 0.92 8.65 27.32
C GLN B 42 2.17 9.06 28.08
N ALA B 43 2.20 8.75 29.38
CA ALA B 43 3.34 9.09 30.24
C ALA B 43 4.61 8.38 29.77
N GLN B 44 4.48 7.13 29.35
CA GLN B 44 5.63 6.40 28.86
C GLN B 44 6.11 7.00 27.54
N PHE B 45 5.17 7.27 26.65
CA PHE B 45 5.49 7.85 25.35
C PHE B 45 6.17 9.21 25.53
N ALA B 46 5.58 10.06 26.38
CA ALA B 46 6.10 11.40 26.66
C ALA B 46 7.49 11.36 27.27
N ASP B 47 7.72 10.33 28.10
CA ASP B 47 9.00 10.17 28.76
C ASP B 47 10.12 9.86 27.77
N LEU B 48 9.82 9.01 26.79
CA LEU B 48 10.82 8.66 25.77
C LEU B 48 11.10 9.85 24.87
N LEU B 49 10.03 10.49 24.40
CA LEU B 49 10.18 11.65 23.54
C LEU B 49 11.04 12.71 24.19
N LYS B 50 10.79 12.95 25.46
CA LYS B 50 11.53 13.94 26.21
C LYS B 50 12.95 13.57 26.60
N ASN B 51 13.11 12.51 27.38
CA ASN B 51 14.42 12.11 27.87
C ASN B 51 15.27 11.24 26.95
N TYR B 52 14.68 10.79 25.85
CA TYR B 52 15.43 9.98 24.89
C TYR B 52 15.52 10.70 23.55
N ALA B 53 14.38 11.11 23.00
CA ALA B 53 14.34 11.80 21.70
C ALA B 53 14.84 13.24 21.71
N GLY B 54 14.63 13.93 22.83
CA GLY B 54 15.07 15.30 22.94
C GLY B 54 13.99 16.36 22.79
N ARG B 55 12.73 15.97 22.86
CA ARG B 55 11.65 16.96 22.75
C ARG B 55 11.56 17.75 24.06
N PRO B 56 11.03 18.99 23.99
CA PRO B 56 10.54 19.65 22.78
C PRO B 56 11.70 20.12 21.88
N THR B 57 11.42 20.25 20.60
CA THR B 57 12.45 20.73 19.69
C THR B 57 12.29 22.24 19.62
N ALA B 58 13.38 22.93 19.32
CA ALA B 58 13.38 24.37 19.27
C ALA B 58 12.62 24.94 18.07
N LEU B 59 12.26 26.21 18.20
CA LEU B 59 11.59 26.94 17.13
C LEU B 59 12.53 28.11 16.89
N THR B 60 13.29 28.05 15.80
CA THR B 60 14.28 29.09 15.46
C THR B 60 13.78 30.17 14.49
N LYS B 61 14.01 31.43 14.83
CA LYS B 61 13.63 32.53 13.96
C LYS B 61 14.82 32.84 13.07
N CYS B 62 14.57 32.98 11.78
CA CYS B 62 15.63 33.28 10.83
C CYS B 62 15.54 34.76 10.46
N GLN B 63 16.43 35.57 11.02
CA GLN B 63 16.42 37.00 10.73
C GLN B 63 17.32 37.39 9.55
N ASN B 64 18.34 36.60 9.27
CA ASN B 64 19.22 36.92 8.15
C ASN B 64 18.55 36.65 6.80
N ILE B 65 17.87 35.50 6.69
CA ILE B 65 17.22 35.14 5.44
C ILE B 65 16.11 36.07 4.99
N THR B 66 15.39 36.64 5.95
CA THR B 66 14.26 37.53 5.66
C THR B 66 14.59 39.01 5.66
N ALA B 67 15.85 39.35 5.92
CA ALA B 67 16.27 40.75 5.95
C ALA B 67 15.82 41.50 4.70
N GLY B 68 15.21 42.67 4.90
CA GLY B 68 14.76 43.46 3.77
C GLY B 68 13.33 43.21 3.33
N THR B 69 12.64 42.30 4.01
CA THR B 69 11.26 42.01 3.63
C THR B 69 10.35 42.09 4.85
N ARG B 70 9.04 41.93 4.63
CA ARG B 70 8.10 41.98 5.73
C ARG B 70 7.70 40.57 6.15
N THR B 71 8.57 39.61 5.83
CA THR B 71 8.36 38.22 6.20
C THR B 71 9.17 37.88 7.45
N THR B 72 8.53 37.17 8.37
CA THR B 72 9.16 36.70 9.61
C THR B 72 9.09 35.19 9.46
N LEU B 73 10.25 34.55 9.46
CA LEU B 73 10.31 33.10 9.28
C LEU B 73 10.83 32.36 10.50
N TYR B 74 10.12 31.30 10.88
CA TYR B 74 10.52 30.46 12.00
C TYR B 74 10.65 29.05 11.43
N LEU B 75 11.63 28.31 11.95
CA LEU B 75 11.87 26.94 11.53
C LEU B 75 11.67 25.99 12.70
N LYS B 76 10.77 25.02 12.54
CA LYS B 76 10.54 24.04 13.60
C LYS B 76 11.69 23.05 13.46
N ARG B 77 12.50 22.95 14.51
CA ARG B 77 13.71 22.13 14.49
C ARG B 77 13.62 20.62 14.74
N GLU B 78 13.01 19.88 13.83
CA GLU B 78 12.92 18.45 13.99
C GLU B 78 14.27 17.85 13.59
N ASP B 79 15.14 18.68 13.02
CA ASP B 79 16.47 18.24 12.62
C ASP B 79 17.32 18.04 13.88
N LEU B 80 16.81 18.56 15.00
CA LEU B 80 17.51 18.44 16.28
C LEU B 80 17.02 17.27 17.12
N LEU B 81 16.07 16.51 16.58
CA LEU B 81 15.52 15.34 17.23
C LEU B 81 16.49 14.18 17.09
N HIS B 82 16.46 13.27 18.05
CA HIS B 82 17.33 12.10 18.01
C HIS B 82 17.14 11.34 16.69
N GLY B 83 18.23 11.11 15.95
CA GLY B 83 18.13 10.42 14.68
C GLY B 83 18.25 11.41 13.53
N GLY B 84 17.98 12.67 13.84
CA GLY B 84 18.09 13.72 12.84
C GLY B 84 16.87 13.98 11.98
N ALA B 85 15.73 13.37 12.32
CA ALA B 85 14.50 13.55 11.56
C ALA B 85 13.28 13.32 12.43
N HIS B 86 12.14 13.83 11.98
CA HIS B 86 10.88 13.70 12.69
C HIS B 86 10.45 12.24 12.82
N LYS B 87 10.90 11.40 11.89
CA LYS B 87 10.53 9.97 11.89
C LYS B 87 10.58 9.29 13.24
N THR B 88 11.56 9.64 14.05
CA THR B 88 11.73 9.06 15.37
C THR B 88 10.47 9.13 16.23
N ASN B 89 9.76 10.25 16.15
CA ASN B 89 8.54 10.43 16.95
C ASN B 89 7.53 9.30 16.82
N GLN B 90 7.18 8.97 15.59
CA GLN B 90 6.17 7.96 15.33
C GLN B 90 6.65 6.51 15.48
N VAL B 91 7.96 6.28 15.30
CA VAL B 91 8.48 4.93 15.46
C VAL B 91 8.51 4.58 16.95
N LEU B 92 8.74 5.58 17.80
CA LEU B 92 8.74 5.31 19.24
C LEU B 92 7.34 4.93 19.67
N GLY B 93 6.35 5.69 19.20
CA GLY B 93 4.98 5.41 19.55
C GLY B 93 4.54 4.05 19.05
N GLN B 94 4.81 3.74 17.79
CA GLN B 94 4.43 2.44 17.22
C GLN B 94 5.13 1.30 17.94
N ALA B 95 6.35 1.56 18.40
CA ALA B 95 7.15 0.57 19.11
C ALA B 95 6.49 0.25 20.44
N LEU B 96 5.97 1.28 21.09
CA LEU B 96 5.28 1.11 22.38
C LEU B 96 3.96 0.38 22.18
N LEU B 97 3.31 0.63 21.04
CA LEU B 97 2.04 -0.02 20.76
C LEU B 97 2.27 -1.51 20.54
N ALA B 98 3.36 -1.83 19.88
CA ALA B 98 3.68 -3.23 19.63
C ALA B 98 3.86 -3.95 20.97
N LYS B 99 4.57 -3.32 21.90
CA LYS B 99 4.78 -3.94 23.21
C LYS B 99 3.46 -4.02 23.98
N ARG B 100 2.63 -3.01 23.82
CA ARG B 100 1.33 -3.00 24.48
C ARG B 100 0.50 -4.20 24.01
N MET B 101 0.71 -4.60 22.75
CA MET B 101 -0.01 -5.75 22.18
C MET B 101 0.68 -7.08 22.49
N GLY B 102 1.75 -7.04 23.28
CA GLY B 102 2.46 -8.25 23.63
C GLY B 102 3.36 -8.78 22.52
N LYS B 103 3.71 -7.92 21.58
CA LYS B 103 4.57 -8.35 20.49
C LYS B 103 6.03 -8.09 20.82
N SER B 104 6.92 -8.91 20.25
CA SER B 104 8.35 -8.78 20.51
C SER B 104 9.19 -8.66 19.24
N GLU B 105 8.53 -8.48 18.11
CA GLU B 105 9.24 -8.36 16.83
C GLU B 105 8.71 -7.19 16.00
N ILE B 106 9.61 -6.51 15.29
CA ILE B 106 9.22 -5.40 14.43
C ILE B 106 9.59 -5.73 12.99
N ILE B 107 8.67 -5.43 12.07
CA ILE B 107 8.87 -5.65 10.65
C ILE B 107 8.80 -4.28 9.97
N ALA B 108 9.76 -3.98 9.11
CA ALA B 108 9.79 -2.71 8.41
C ALA B 108 10.59 -2.78 7.10
N GLU B 109 10.51 -1.72 6.31
CA GLU B 109 11.25 -1.64 5.05
C GLU B 109 11.57 -0.17 4.80
N THR B 110 12.65 0.10 4.07
CA THR B 110 13.04 1.47 3.79
C THR B 110 13.78 1.57 2.46
N GLY B 111 13.74 2.77 1.87
CA GLY B 111 14.42 3.00 0.60
C GLY B 111 15.81 3.56 0.81
N ALA B 112 15.88 4.82 1.24
CA ALA B 112 17.16 5.47 1.50
C ALA B 112 17.78 4.89 2.76
N GLY B 113 16.93 4.64 3.76
CA GLY B 113 17.41 4.06 5.00
C GLY B 113 17.01 4.86 6.23
N GLN B 114 16.41 6.03 6.01
CA GLN B 114 16.00 6.89 7.12
C GLN B 114 15.04 6.17 8.07
N HIS B 115 13.95 5.65 7.53
CA HIS B 115 12.96 4.94 8.34
C HIS B 115 13.52 3.63 8.88
N GLY B 116 14.36 2.97 8.09
CA GLY B 116 14.97 1.73 8.53
C GLY B 116 15.80 1.95 9.79
N VAL B 117 16.60 3.01 9.79
CA VAL B 117 17.44 3.35 10.93
C VAL B 117 16.59 3.71 12.14
N ALA B 118 15.55 4.50 11.91
CA ALA B 118 14.65 4.93 12.99
C ALA B 118 13.98 3.74 13.68
N SER B 119 13.54 2.76 12.90
CA SER B 119 12.89 1.57 13.46
C SER B 119 13.88 0.72 14.24
N ALA B 120 15.11 0.66 13.72
CA ALA B 120 16.16 -0.12 14.36
C ALA B 120 16.54 0.49 15.70
N LEU B 121 16.70 1.81 15.74
CA LEU B 121 17.08 2.47 16.99
C LEU B 121 15.97 2.28 18.04
N ALA B 122 14.71 2.41 17.61
CA ALA B 122 13.60 2.23 18.54
C ALA B 122 13.56 0.80 19.04
N SER B 123 13.78 -0.15 18.14
CA SER B 123 13.76 -1.56 18.50
C SER B 123 14.87 -1.93 19.48
N ALA B 124 16.06 -1.37 19.28
CA ALA B 124 17.19 -1.64 20.18
C ALA B 124 16.89 -1.13 21.59
N LEU B 125 16.30 0.06 21.66
CA LEU B 125 15.95 0.67 22.94
C LEU B 125 14.90 -0.10 23.70
N LEU B 126 13.80 -0.42 23.03
CA LEU B 126 12.69 -1.13 23.67
C LEU B 126 12.82 -2.65 23.66
N GLY B 127 13.99 -3.17 23.33
CA GLY B 127 14.20 -4.60 23.31
C GLY B 127 13.30 -5.37 22.37
N LEU B 128 13.30 -4.98 21.09
CA LEU B 128 12.47 -5.65 20.10
C LEU B 128 13.31 -6.24 18.97
N LYS B 129 12.90 -7.40 18.46
CA LYS B 129 13.63 -8.04 17.38
C LYS B 129 13.18 -7.39 16.08
N CYS B 130 14.08 -6.63 15.45
CA CYS B 130 13.76 -5.89 14.23
C CYS B 130 14.31 -6.54 12.96
N ARG B 131 13.44 -6.67 11.96
CA ARG B 131 13.81 -7.24 10.66
C ARG B 131 13.43 -6.19 9.62
N ILE B 132 14.40 -5.78 8.79
CA ILE B 132 14.16 -4.75 7.78
C ILE B 132 14.44 -5.23 6.37
N TYR B 133 13.64 -4.74 5.42
CA TYR B 133 13.80 -5.11 4.01
C TYR B 133 14.26 -3.91 3.19
N ASN B 145 23.15 3.60 5.25
CA ASN B 145 22.41 3.36 6.47
C ASN B 145 22.30 1.87 6.81
N VAL B 146 22.64 1.02 5.85
CA VAL B 146 22.57 -0.42 6.07
C VAL B 146 23.44 -0.80 7.26
N PHE B 147 24.57 -0.13 7.39
CA PHE B 147 25.49 -0.40 8.49
C PHE B 147 24.92 0.10 9.81
N ARG B 148 24.27 1.26 9.76
CA ARG B 148 23.67 1.85 10.95
C ARG B 148 22.59 0.93 11.50
N MET B 149 21.84 0.31 10.60
CA MET B 149 20.77 -0.60 11.01
C MET B 149 21.36 -1.85 11.65
N ARG B 150 22.39 -2.41 11.03
CA ARG B 150 23.03 -3.61 11.56
C ARG B 150 23.73 -3.28 12.88
N LEU B 151 24.33 -2.09 12.96
CA LEU B 151 25.03 -1.67 14.18
C LEU B 151 24.09 -1.63 15.37
N MET B 152 22.80 -1.44 15.10
CA MET B 152 21.80 -1.38 16.16
C MET B 152 21.03 -2.69 16.32
N GLY B 153 21.62 -3.77 15.82
CA GLY B 153 21.02 -5.08 15.92
C GLY B 153 19.91 -5.40 14.93
N ALA B 154 19.52 -4.42 14.13
CA ALA B 154 18.46 -4.63 13.14
C ALA B 154 18.95 -5.56 12.04
N GLU B 155 18.09 -6.53 11.70
CA GLU B 155 18.41 -7.51 10.66
C GLU B 155 17.94 -7.02 9.30
N VAL B 156 18.88 -6.69 8.42
CA VAL B 156 18.56 -6.22 7.08
C VAL B 156 18.54 -7.41 6.13
N ILE B 157 17.34 -7.75 5.64
CA ILE B 157 17.17 -8.88 4.74
C ILE B 157 17.23 -8.44 3.28
N ALA B 173 7.45 -8.14 3.27
CA ALA B 173 7.01 -7.11 4.20
C ALA B 173 5.63 -7.46 4.72
N LEU B 174 4.60 -7.01 4.00
CA LEU B 174 3.22 -7.30 4.37
C LEU B 174 3.01 -8.81 4.34
N ARG B 175 3.72 -9.46 3.42
CA ARG B 175 3.61 -10.91 3.29
C ARG B 175 4.04 -11.57 4.58
N ASP B 176 5.19 -11.14 5.10
CA ASP B 176 5.72 -11.69 6.34
C ASP B 176 4.78 -11.40 7.52
N TRP B 177 4.21 -10.20 7.52
CA TRP B 177 3.30 -9.77 8.56
C TRP B 177 2.00 -10.58 8.53
N SER B 178 1.64 -11.07 7.34
CA SER B 178 0.43 -11.87 7.16
C SER B 178 0.43 -13.09 8.06
N GLY B 179 1.57 -13.77 8.12
CA GLY B 179 1.68 -14.96 8.93
C GLY B 179 2.60 -14.84 10.14
N SER B 180 2.54 -13.71 10.83
CA SER B 180 3.39 -13.50 11.99
C SER B 180 2.95 -12.28 12.78
N TYR B 181 1.82 -11.70 12.39
CA TYR B 181 1.31 -10.51 13.04
C TYR B 181 0.89 -10.77 14.48
N GLU B 182 0.87 -12.02 14.90
CA GLU B 182 0.49 -12.32 16.27
C GLU B 182 1.67 -12.02 17.19
N THR B 183 2.88 -12.06 16.64
CA THR B 183 4.07 -11.80 17.44
C THR B 183 4.91 -10.64 16.89
N ALA B 184 4.51 -10.11 15.73
CA ALA B 184 5.25 -9.02 15.10
C ALA B 184 4.37 -7.87 14.64
N HIS B 185 4.89 -6.66 14.77
CA HIS B 185 4.16 -5.46 14.36
C HIS B 185 4.82 -4.85 13.13
N TYR B 186 4.00 -4.43 12.16
CA TYR B 186 4.52 -3.81 10.95
C TYR B 186 4.61 -2.30 11.19
N MET B 187 5.83 -1.77 11.19
CA MET B 187 6.01 -0.35 11.45
C MET B 187 6.05 0.48 10.18
N LEU B 188 4.87 0.90 9.72
CA LEU B 188 4.76 1.72 8.51
C LEU B 188 5.47 3.05 8.75
N GLY B 189 6.17 3.54 7.74
CA GLY B 189 6.93 4.77 7.87
C GLY B 189 6.30 6.11 7.51
N THR B 190 5.05 6.13 7.08
CA THR B 190 4.43 7.41 6.74
C THR B 190 2.93 7.43 7.03
N ALA B 191 2.29 8.58 6.86
CA ALA B 191 0.86 8.71 7.13
C ALA B 191 0.04 8.21 5.96
N ALA B 192 0.38 7.01 5.50
CA ALA B 192 -0.30 6.40 4.38
C ALA B 192 -0.54 4.92 4.65
N GLY B 193 -1.09 4.24 3.65
CA GLY B 193 -1.38 2.82 3.81
C GLY B 193 -2.77 2.62 4.36
N PRO B 194 -3.12 1.37 4.70
CA PRO B 194 -4.46 1.12 5.23
C PRO B 194 -4.69 1.62 6.64
N HIS B 195 -5.94 1.96 6.92
CA HIS B 195 -6.36 2.41 8.24
C HIS B 195 -5.93 1.24 9.14
N PRO B 196 -5.57 1.54 10.40
CA PRO B 196 -5.50 2.87 11.00
C PRO B 196 -4.15 3.54 10.93
N TYR B 197 -3.30 3.11 10.01
CA TYR B 197 -1.96 3.71 9.93
C TYR B 197 -1.97 5.22 9.70
N PRO B 198 -2.76 5.71 8.71
CA PRO B 198 -2.78 7.16 8.47
C PRO B 198 -3.13 7.95 9.72
N THR B 199 -4.08 7.43 10.48
CA THR B 199 -4.55 8.07 11.72
C THR B 199 -3.54 7.95 12.86
N ILE B 200 -2.90 6.80 12.97
CA ILE B 200 -1.93 6.56 14.04
C ILE B 200 -0.66 7.38 13.82
N VAL B 201 -0.15 7.40 12.59
CA VAL B 201 1.07 8.15 12.31
C VAL B 201 0.87 9.65 12.59
N ARG B 202 -0.34 10.15 12.35
CA ARG B 202 -0.66 11.56 12.58
C ARG B 202 -0.66 11.86 14.06
N GLU B 203 -1.35 11.03 14.83
CA GLU B 203 -1.43 11.24 16.26
C GLU B 203 -0.07 11.14 16.93
N PHE B 204 0.80 10.26 16.44
CA PHE B 204 2.12 10.10 17.02
C PHE B 204 3.14 11.13 16.50
N GLN B 205 2.66 12.06 15.65
CA GLN B 205 3.52 13.11 15.09
C GLN B 205 2.92 14.49 15.40
N ARG B 206 1.71 14.51 15.95
CA ARG B 206 1.05 15.80 16.17
C ARG B 206 1.69 16.71 17.20
N MET B 207 2.63 16.19 17.99
CA MET B 207 3.29 17.06 18.98
C MET B 207 4.12 18.12 18.25
N ILE B 208 4.45 17.85 16.99
CA ILE B 208 5.20 18.83 16.22
C ILE B 208 4.37 20.12 16.15
N GLY B 209 3.12 19.98 15.72
CA GLY B 209 2.24 21.13 15.61
C GLY B 209 1.86 21.73 16.96
N GLU B 210 1.62 20.89 17.96
CA GLU B 210 1.26 21.36 19.29
C GLU B 210 2.36 22.22 19.88
N GLU B 211 3.61 21.79 19.73
CA GLU B 211 4.75 22.55 20.24
C GLU B 211 4.89 23.85 19.46
N THR B 212 4.83 23.75 18.14
CA THR B 212 4.93 24.93 17.27
C THR B 212 3.92 26.02 17.66
N LYS B 213 2.71 25.60 18.01
CA LYS B 213 1.66 26.53 18.41
C LYS B 213 2.01 27.21 19.72
N ALA B 214 2.39 26.43 20.72
CA ALA B 214 2.76 27.02 22.00
C ALA B 214 3.96 27.93 21.87
N GLN B 215 4.93 27.52 21.07
CA GLN B 215 6.14 28.31 20.88
C GLN B 215 5.91 29.61 20.15
N ILE B 216 5.10 29.57 19.09
CA ILE B 216 4.82 30.76 18.31
C ILE B 216 3.99 31.75 19.14
N LEU B 217 3.04 31.24 19.93
CA LEU B 217 2.22 32.13 20.75
C LEU B 217 3.09 32.81 21.80
N ASP B 218 4.12 32.11 22.27
CA ASP B 218 5.02 32.67 23.26
C ASP B 218 5.96 33.71 22.68
N LYS B 219 6.41 33.49 21.45
CA LYS B 219 7.34 34.40 20.81
C LYS B 219 6.67 35.57 20.06
N GLU B 220 5.54 35.32 19.41
CA GLU B 220 4.85 36.35 18.65
C GLU B 220 3.50 36.77 19.24
N GLY B 221 2.95 35.98 20.16
CA GLY B 221 1.68 36.32 20.77
C GLY B 221 0.52 36.15 19.82
N ARG B 222 0.72 35.36 18.77
CA ARG B 222 -0.34 35.12 17.79
C ARG B 222 -0.03 33.83 17.03
N LEU B 223 -0.97 33.40 16.21
CA LEU B 223 -0.80 32.18 15.43
C LEU B 223 -0.07 32.53 14.14
N PRO B 224 0.53 31.55 13.48
CA PRO B 224 1.25 31.80 12.23
C PRO B 224 0.26 32.11 11.10
N ASP B 225 0.73 32.83 10.08
CA ASP B 225 -0.14 33.10 8.95
C ASP B 225 -0.21 31.83 8.14
N ALA B 226 0.87 31.05 8.18
CA ALA B 226 0.92 29.78 7.45
C ALA B 226 2.06 28.88 7.89
N VAL B 227 1.81 27.58 7.87
CA VAL B 227 2.83 26.59 8.20
C VAL B 227 3.07 25.80 6.92
N ILE B 228 4.34 25.56 6.62
CA ILE B 228 4.75 24.89 5.39
C ILE B 228 5.64 23.69 5.66
N ALA B 229 5.32 22.57 5.03
CA ALA B 229 6.08 21.34 5.21
C ALA B 229 6.12 20.51 3.93
N CYS B 230 7.20 19.78 3.69
CA CYS B 230 7.30 18.99 2.48
C CYS B 230 6.39 17.77 2.61
N VAL B 231 5.90 17.28 1.48
CA VAL B 231 5.01 16.12 1.48
C VAL B 231 5.55 14.97 0.64
N GLY B 232 6.09 13.96 1.32
CA GLY B 232 6.60 12.79 0.62
C GLY B 232 5.52 11.75 0.81
N GLY B 233 5.33 11.36 2.06
CA GLY B 233 4.29 10.41 2.40
C GLY B 233 3.21 11.20 3.10
N GLY B 234 3.61 12.29 3.76
CA GLY B 234 2.67 13.16 4.43
C GLY B 234 2.74 13.16 5.95
N SER B 235 3.63 12.36 6.53
CA SER B 235 3.75 12.27 7.99
C SER B 235 4.28 13.53 8.71
N ASN B 236 5.40 14.10 8.27
CA ASN B 236 5.90 15.29 8.96
C ASN B 236 4.95 16.46 8.69
N ALA B 237 4.35 16.49 7.52
CA ALA B 237 3.43 17.56 7.18
C ALA B 237 2.16 17.47 8.01
N ILE B 238 1.60 16.28 8.14
CA ILE B 238 0.35 16.13 8.91
C ILE B 238 0.62 16.35 10.40
N GLY B 239 1.84 16.04 10.83
CA GLY B 239 2.21 16.25 12.21
C GLY B 239 2.21 17.74 12.56
N MET B 240 2.63 18.57 11.61
CA MET B 240 2.64 20.02 11.79
C MET B 240 1.24 20.60 11.61
N PHE B 241 0.48 20.07 10.65
CA PHE B 241 -0.88 20.55 10.35
C PHE B 241 -1.93 20.26 11.41
N ALA B 242 -1.96 19.00 11.85
CA ALA B 242 -2.95 18.51 12.80
C ALA B 242 -3.52 19.50 13.80
N ASP B 243 -2.65 20.04 14.64
CA ASP B 243 -3.10 20.95 15.68
C ASP B 243 -3.61 22.31 15.22
N PHE B 244 -3.39 22.62 13.95
CA PHE B 244 -3.84 23.90 13.40
C PHE B 244 -5.09 23.77 12.53
N ILE B 245 -5.49 22.53 12.21
CA ILE B 245 -6.66 22.31 11.37
C ILE B 245 -7.90 23.11 11.81
N ASN B 246 -8.16 23.19 13.11
CA ASN B 246 -9.31 23.95 13.61
C ASN B 246 -9.06 25.46 13.67
N ASP B 247 -7.83 25.87 13.43
CA ASP B 247 -7.51 27.31 13.41
C ASP B 247 -7.61 27.79 11.97
N THR B 248 -8.84 28.04 11.54
CA THR B 248 -9.12 28.46 10.15
C THR B 248 -8.23 29.57 9.58
N SER B 249 -7.77 30.48 10.43
CA SER B 249 -6.93 31.59 9.98
C SER B 249 -5.53 31.15 9.58
N VAL B 250 -5.12 29.97 10.03
CA VAL B 250 -3.80 29.45 9.73
C VAL B 250 -3.74 28.66 8.44
N GLY B 251 -2.86 29.09 7.53
CA GLY B 251 -2.73 28.39 6.26
C GLY B 251 -1.89 27.14 6.38
N LEU B 252 -2.32 26.07 5.72
CA LEU B 252 -1.55 24.82 5.74
C LEU B 252 -1.05 24.62 4.31
N ILE B 253 0.26 24.59 4.14
CA ILE B 253 0.84 24.43 2.81
C ILE B 253 1.73 23.20 2.74
N GLY B 254 1.36 22.27 1.88
CA GLY B 254 2.12 21.06 1.68
C GLY B 254 2.92 21.19 0.39
N VAL B 255 4.18 20.81 0.43
CA VAL B 255 5.05 20.94 -0.73
C VAL B 255 5.52 19.61 -1.30
N GLU B 256 5.02 19.25 -2.47
CA GLU B 256 5.43 18.01 -3.10
C GLU B 256 6.66 18.29 -3.96
N PRO B 257 7.48 17.26 -4.22
CA PRO B 257 8.68 17.44 -5.04
C PRO B 257 8.32 17.56 -6.52
N GLY B 258 8.90 18.55 -7.18
CA GLY B 258 8.62 18.75 -8.60
C GLY B 258 9.67 18.10 -9.48
N GLY B 259 10.72 17.60 -8.86
CA GLY B 259 11.80 16.96 -9.60
C GLY B 259 12.40 17.86 -10.66
N HIS B 260 12.48 17.37 -11.90
CA HIS B 260 13.05 18.13 -12.99
C HIS B 260 12.05 19.10 -13.56
N GLY B 261 10.81 19.03 -13.07
CA GLY B 261 9.75 19.91 -13.53
C GLY B 261 8.49 19.13 -13.84
N ILE B 262 7.35 19.59 -13.32
CA ILE B 262 6.08 18.91 -13.54
C ILE B 262 5.85 18.52 -15.01
N GLU B 263 6.04 19.47 -15.93
CA GLU B 263 5.82 19.22 -17.35
C GLU B 263 6.73 18.15 -17.94
N THR B 264 7.84 17.83 -17.26
CA THR B 264 8.76 16.81 -17.77
C THR B 264 8.27 15.43 -17.41
N GLY B 265 7.31 15.37 -16.49
CA GLY B 265 6.77 14.09 -16.07
C GLY B 265 7.61 13.45 -14.98
N GLU B 266 8.88 13.85 -14.89
CA GLU B 266 9.76 13.30 -13.87
C GLU B 266 9.67 14.11 -12.58
N HIS B 267 8.69 13.76 -11.75
CA HIS B 267 8.46 14.45 -10.49
C HIS B 267 7.81 13.51 -9.47
N GLY B 268 7.46 14.05 -8.30
CA GLY B 268 6.84 13.24 -7.26
C GLY B 268 5.69 13.98 -6.62
N ALA B 269 4.84 14.58 -7.46
CA ALA B 269 3.69 15.35 -7.00
C ALA B 269 2.36 14.72 -7.43
N PRO B 270 2.03 13.54 -6.87
CA PRO B 270 0.78 12.85 -7.20
C PRO B 270 -0.50 13.52 -6.71
N LEU B 271 -0.43 14.20 -5.57
CA LEU B 271 -1.62 14.85 -5.02
C LEU B 271 -2.21 15.83 -6.02
N LYS B 272 -1.36 16.69 -6.59
CA LYS B 272 -1.85 17.68 -7.55
C LYS B 272 -1.64 17.30 -9.02
N HIS B 273 -0.73 16.36 -9.27
CA HIS B 273 -0.48 15.97 -10.65
C HIS B 273 -0.57 14.46 -10.90
N GLY B 274 -1.26 13.77 -10.02
CA GLY B 274 -1.44 12.34 -10.17
C GLY B 274 -2.90 12.03 -10.45
N ARG B 275 -3.29 10.77 -10.25
CA ARG B 275 -4.66 10.33 -10.50
C ARG B 275 -5.08 9.36 -9.39
N VAL B 276 -6.32 9.49 -8.91
CA VAL B 276 -6.82 8.63 -7.84
C VAL B 276 -6.85 7.15 -8.23
N GLY B 277 -6.33 6.31 -7.34
CA GLY B 277 -6.31 4.88 -7.59
C GLY B 277 -6.29 4.14 -6.27
N ILE B 278 -6.15 2.83 -6.33
CA ILE B 278 -6.10 2.01 -5.13
C ILE B 278 -4.77 1.25 -5.10
N TYR B 279 -3.96 1.55 -4.09
CA TYR B 279 -2.65 0.93 -3.94
C TYR B 279 -2.15 1.07 -2.52
N PHE B 280 -1.35 0.10 -2.09
CA PHE B 280 -0.78 0.09 -0.73
C PHE B 280 -1.86 0.13 0.33
N GLY B 281 -2.97 -0.56 0.06
CA GLY B 281 -4.06 -0.64 1.02
C GLY B 281 -4.89 0.62 1.17
N MET B 282 -4.84 1.52 0.20
CA MET B 282 -5.60 2.76 0.31
C MET B 282 -6.02 3.35 -1.03
N LYS B 283 -7.02 4.22 -0.96
CA LYS B 283 -7.51 4.94 -2.12
C LYS B 283 -7.00 6.38 -1.94
N ALA B 284 -6.12 6.81 -2.83
CA ALA B 284 -5.55 8.15 -2.76
C ALA B 284 -4.92 8.54 -4.08
N PRO B 285 -4.52 9.82 -4.21
CA PRO B 285 -3.90 10.29 -5.45
C PRO B 285 -2.64 9.47 -5.68
N MET B 286 -2.40 9.06 -6.93
CA MET B 286 -1.24 8.24 -7.24
C MET B 286 -0.63 8.52 -8.60
N MET B 287 0.65 8.22 -8.74
CA MET B 287 1.30 8.41 -10.02
C MET B 287 1.28 7.06 -10.73
N GLN B 288 0.40 6.95 -11.72
CA GLN B 288 0.24 5.71 -12.45
C GLN B 288 0.08 5.94 -13.95
N THR B 289 0.28 4.88 -14.72
CA THR B 289 0.13 4.96 -16.17
C THR B 289 -1.35 5.04 -16.50
N ALA B 290 -1.66 5.42 -17.74
CA ALA B 290 -3.05 5.54 -18.17
C ALA B 290 -3.75 4.18 -18.02
N ASP B 291 -2.96 3.11 -18.05
CA ASP B 291 -3.46 1.74 -17.94
C ASP B 291 -3.79 1.33 -16.51
N GLY B 292 -3.17 1.99 -15.54
CA GLY B 292 -3.43 1.66 -14.15
C GLY B 292 -2.25 0.97 -13.48
N GLN B 293 -1.07 1.13 -14.07
CA GLN B 293 0.13 0.54 -13.51
C GLN B 293 0.88 1.62 -12.74
N ILE B 294 1.05 1.40 -11.44
CA ILE B 294 1.73 2.37 -10.59
C ILE B 294 3.10 2.74 -11.17
N GLU B 295 3.38 4.03 -11.24
CA GLU B 295 4.67 4.49 -11.76
C GLU B 295 5.59 4.92 -10.62
N GLU B 296 6.78 5.39 -10.96
CA GLU B 296 7.73 5.84 -9.95
C GLU B 296 7.77 7.36 -9.85
N SER B 297 8.07 7.86 -8.66
CA SER B 297 8.15 9.29 -8.44
C SER B 297 9.63 9.70 -8.31
N TYR B 298 10.04 10.71 -9.08
CA TYR B 298 11.41 11.17 -9.03
C TYR B 298 11.56 12.46 -8.22
N SER B 299 12.72 12.61 -7.59
CA SER B 299 13.06 13.79 -6.80
C SER B 299 14.53 13.74 -6.43
N ILE B 300 15.16 14.91 -6.34
CA ILE B 300 16.57 14.98 -5.98
C ILE B 300 16.71 14.36 -4.59
N SER B 301 15.64 14.42 -3.81
CA SER B 301 15.66 13.85 -2.47
C SER B 301 14.92 12.52 -2.43
N ALA B 302 15.66 11.44 -2.21
CA ALA B 302 15.09 10.09 -2.15
C ALA B 302 13.97 9.99 -1.10
N GLY B 303 14.07 10.79 -0.05
CA GLY B 303 13.07 10.76 1.00
C GLY B 303 11.67 11.15 0.56
N LEU B 304 11.55 11.75 -0.62
CA LEU B 304 10.24 12.15 -1.12
C LEU B 304 9.86 11.32 -2.37
N ASP B 305 10.34 10.09 -2.42
CA ASP B 305 10.11 9.19 -3.54
C ASP B 305 8.78 8.40 -3.50
N PHE B 306 7.97 8.61 -2.47
CA PHE B 306 6.71 7.88 -2.37
C PHE B 306 5.80 8.26 -3.53
N PRO B 307 5.44 7.28 -4.38
CA PRO B 307 4.58 7.48 -5.54
C PRO B 307 3.12 7.86 -5.24
N SER B 308 2.77 7.94 -3.96
CA SER B 308 1.43 8.32 -3.57
C SER B 308 1.49 9.36 -2.45
N VAL B 309 0.41 9.53 -1.72
CA VAL B 309 0.36 10.49 -0.62
C VAL B 309 -0.72 10.09 0.38
N GLY B 310 -0.56 10.50 1.64
CA GLY B 310 -1.52 10.15 2.67
C GLY B 310 -2.93 10.60 2.33
N PRO B 311 -3.94 9.79 2.68
CA PRO B 311 -5.34 10.11 2.39
C PRO B 311 -5.86 11.39 3.04
N GLN B 312 -5.40 11.69 4.25
CA GLN B 312 -5.87 12.90 4.92
C GLN B 312 -5.46 14.15 4.15
N HIS B 313 -4.29 14.13 3.54
CA HIS B 313 -3.82 15.26 2.75
C HIS B 313 -4.70 15.44 1.50
N ALA B 314 -5.04 14.33 0.83
CA ALA B 314 -5.88 14.39 -0.35
C ALA B 314 -7.20 15.06 0.03
N TYR B 315 -7.74 14.68 1.18
CA TYR B 315 -8.99 15.20 1.70
C TYR B 315 -8.91 16.69 2.05
N LEU B 316 -7.88 17.09 2.79
CA LEU B 316 -7.71 18.47 3.18
C LEU B 316 -7.62 19.33 1.93
N ASN B 317 -7.03 18.77 0.87
CA ASN B 317 -6.91 19.50 -0.37
C ASN B 317 -8.26 19.62 -1.04
N SER B 318 -9.02 18.53 -1.07
CA SER B 318 -10.32 18.53 -1.74
C SER B 318 -11.29 19.58 -1.21
N ILE B 319 -11.29 19.80 0.10
CA ILE B 319 -12.20 20.76 0.69
C ILE B 319 -11.58 22.15 0.75
N GLY B 320 -10.34 22.28 0.32
CA GLY B 320 -9.68 23.57 0.33
C GLY B 320 -9.16 24.04 1.66
N ARG B 321 -9.00 23.13 2.62
CA ARG B 321 -8.47 23.54 3.93
C ARG B 321 -6.95 23.68 3.83
N ALA B 322 -6.30 22.76 3.10
CA ALA B 322 -4.87 22.81 2.91
C ALA B 322 -4.57 23.03 1.42
N ASP B 323 -3.46 23.72 1.13
CA ASP B 323 -3.06 23.97 -0.26
C ASP B 323 -1.75 23.25 -0.52
N TYR B 324 -1.59 22.69 -1.72
CA TYR B 324 -0.37 21.97 -2.06
C TYR B 324 0.26 22.56 -3.31
N VAL B 325 1.58 22.63 -3.29
CA VAL B 325 2.37 23.18 -4.38
C VAL B 325 3.58 22.27 -4.59
N SER B 326 4.37 22.55 -5.62
CA SER B 326 5.57 21.75 -5.88
C SER B 326 6.80 22.66 -6.02
N ILE B 327 7.95 22.09 -5.70
CA ILE B 327 9.24 22.76 -5.74
C ILE B 327 10.19 21.82 -6.49
N THR B 328 10.92 22.35 -7.47
CA THR B 328 11.85 21.56 -8.27
C THR B 328 13.16 21.30 -7.52
N ASP B 329 14.00 20.44 -8.08
CA ASP B 329 15.29 20.13 -7.49
C ASP B 329 16.14 21.38 -7.39
N ASP B 330 16.15 22.19 -8.45
CA ASP B 330 16.96 23.40 -8.43
C ASP B 330 16.53 24.38 -7.35
N GLU B 331 15.22 24.53 -7.18
CA GLU B 331 14.73 25.45 -6.14
C GLU B 331 15.10 24.88 -4.77
N ALA B 332 14.90 23.58 -4.57
CA ALA B 332 15.22 22.96 -3.29
C ALA B 332 16.72 23.09 -3.00
N LEU B 333 17.55 22.81 -4.01
CA LEU B 333 19.00 22.94 -3.85
C LEU B 333 19.39 24.35 -3.42
N GLU B 334 18.75 25.34 -4.04
CA GLU B 334 19.02 26.75 -3.74
C GLU B 334 18.64 27.08 -2.31
N ALA B 335 17.54 26.51 -1.83
CA ALA B 335 17.08 26.74 -0.46
C ALA B 335 18.09 26.09 0.49
N PHE B 336 18.62 24.94 0.07
CA PHE B 336 19.61 24.20 0.85
C PHE B 336 20.86 25.06 1.07
N LYS B 337 21.36 25.65 -0.01
CA LYS B 337 22.55 26.49 0.07
C LYS B 337 22.31 27.78 0.85
N THR B 338 21.13 28.36 0.67
CA THR B 338 20.76 29.60 1.35
C THR B 338 20.66 29.47 2.88
N LEU B 339 20.13 28.36 3.37
CA LEU B 339 20.01 28.20 4.82
C LEU B 339 21.39 27.97 5.44
N CYS B 340 22.27 27.28 4.71
CA CYS B 340 23.62 27.01 5.20
C CYS B 340 24.45 28.27 5.42
N ARG B 341 24.38 29.19 4.45
CA ARG B 341 25.16 30.42 4.50
C ARG B 341 24.57 31.55 5.33
N HIS B 342 23.26 31.59 5.44
CA HIS B 342 22.61 32.66 6.18
C HIS B 342 22.16 32.32 7.60
N GLU B 343 22.07 31.03 7.92
CA GLU B 343 21.64 30.64 9.27
C GLU B 343 22.53 29.60 9.94
N GLY B 344 23.48 29.06 9.19
CA GLY B 344 24.38 28.06 9.76
C GLY B 344 23.69 26.73 10.06
N ILE B 345 22.59 26.46 9.36
CA ILE B 345 21.87 25.20 9.55
C ILE B 345 21.85 24.45 8.22
N ILE B 346 22.20 23.17 8.25
CA ILE B 346 22.21 22.35 7.05
C ILE B 346 20.95 21.49 7.06
N PRO B 347 19.92 21.89 6.30
CA PRO B 347 18.65 21.16 6.23
C PRO B 347 18.69 19.97 5.27
N ALA B 348 17.78 19.02 5.50
CA ALA B 348 17.68 17.86 4.61
C ALA B 348 17.09 18.35 3.29
N LEU B 349 17.52 17.75 2.19
CA LEU B 349 17.01 18.14 0.88
C LEU B 349 15.48 18.08 0.87
N GLU B 350 14.92 17.16 1.65
CA GLU B 350 13.47 17.01 1.74
C GLU B 350 12.88 18.30 2.35
N SER B 351 13.42 18.69 3.50
CA SER B 351 12.97 19.90 4.19
C SER B 351 13.27 21.15 3.36
N SER B 352 14.28 21.06 2.49
CA SER B 352 14.65 22.20 1.65
C SER B 352 13.54 22.56 0.66
N HIS B 353 12.67 21.61 0.36
CA HIS B 353 11.58 21.87 -0.57
C HIS B 353 10.59 22.78 0.16
N ALA B 354 10.39 22.54 1.44
CA ALA B 354 9.46 23.37 2.23
C ALA B 354 10.05 24.77 2.35
N LEU B 355 11.32 24.87 2.70
CA LEU B 355 11.99 26.16 2.83
C LEU B 355 11.94 26.92 1.50
N ALA B 356 12.16 26.20 0.41
CA ALA B 356 12.14 26.82 -0.92
C ALA B 356 10.82 27.53 -1.20
N HIS B 357 9.70 26.91 -0.84
CA HIS B 357 8.42 27.58 -1.08
C HIS B 357 8.25 28.81 -0.21
N ALA B 358 8.72 28.73 1.03
CA ALA B 358 8.62 29.88 1.93
C ALA B 358 9.42 31.06 1.36
N LEU B 359 10.59 30.76 0.82
CA LEU B 359 11.44 31.80 0.25
C LEU B 359 10.72 32.46 -0.92
N LYS B 360 10.00 31.67 -1.71
CA LYS B 360 9.27 32.16 -2.87
C LYS B 360 8.15 33.11 -2.42
N MET B 361 7.43 32.70 -1.38
CA MET B 361 6.34 33.49 -0.81
C MET B 361 6.87 34.85 -0.39
N MET B 362 8.09 34.84 0.14
CA MET B 362 8.76 36.04 0.60
C MET B 362 9.28 36.89 -0.56
N ARG B 363 10.04 36.25 -1.43
CA ARG B 363 10.64 36.93 -2.58
C ARG B 363 9.66 37.49 -3.59
N GLU B 364 8.58 36.78 -3.85
CA GLU B 364 7.58 37.24 -4.82
C GLU B 364 6.81 38.44 -4.33
N GLN B 365 6.70 38.60 -3.02
CA GLN B 365 5.95 39.72 -2.46
C GLN B 365 6.68 40.20 -1.20
N PRO B 366 7.86 40.81 -1.38
CA PRO B 366 8.68 41.32 -0.27
C PRO B 366 8.03 42.31 0.70
N GLU B 367 6.98 43.00 0.27
CA GLU B 367 6.33 43.96 1.16
C GLU B 367 5.10 43.38 1.82
N LYS B 368 4.89 42.07 1.66
CA LYS B 368 3.73 41.44 2.29
C LYS B 368 4.08 41.01 3.71
N GLU B 369 3.32 41.51 4.68
CA GLU B 369 3.56 41.15 6.06
C GLU B 369 2.97 39.76 6.32
N GLN B 370 3.84 38.83 6.70
CA GLN B 370 3.40 37.47 6.96
C GLN B 370 4.35 36.77 7.93
N LEU B 371 3.77 35.98 8.83
CA LEU B 371 4.52 35.21 9.81
C LEU B 371 4.43 33.76 9.38
N LEU B 372 5.55 33.20 8.96
CA LEU B 372 5.59 31.84 8.48
C LEU B 372 6.39 30.89 9.37
N VAL B 373 6.08 29.60 9.28
CA VAL B 373 6.80 28.57 10.00
C VAL B 373 7.04 27.44 9.03
N VAL B 374 8.30 27.07 8.85
CA VAL B 374 8.68 25.97 7.96
C VAL B 374 9.07 24.80 8.88
N ASN B 375 8.51 23.63 8.63
CA ASN B 375 8.85 22.45 9.43
C ASN B 375 10.16 21.92 8.88
N LEU B 376 11.26 22.08 9.61
CA LEU B 376 12.53 21.55 9.13
C LEU B 376 12.56 20.09 9.58
N SER B 377 11.90 19.23 8.80
CA SER B 377 11.79 17.80 9.09
C SER B 377 13.09 17.03 9.38
N GLY B 378 14.24 17.51 8.92
CA GLY B 378 15.48 16.79 9.19
C GLY B 378 16.77 17.52 8.83
N ARG B 379 17.91 16.97 9.26
CA ARG B 379 19.20 17.60 8.97
C ARG B 379 19.71 17.08 7.63
N GLY B 380 20.54 17.88 6.97
CA GLY B 380 21.04 17.49 5.65
C GLY B 380 22.44 16.95 5.57
N ASP B 381 23.00 16.55 6.71
CA ASP B 381 24.34 15.99 6.72
C ASP B 381 24.40 14.79 5.77
N LYS B 382 23.28 14.07 5.66
CA LYS B 382 23.23 12.90 4.77
C LYS B 382 23.23 13.30 3.30
N ASP B 383 22.92 14.56 3.03
CA ASP B 383 22.87 15.08 1.67
C ASP B 383 24.13 15.88 1.33
N ILE B 384 25.16 15.73 2.14
CA ILE B 384 26.41 16.44 1.93
C ILE B 384 27.12 16.02 0.64
N PHE B 385 26.98 14.75 0.29
CA PHE B 385 27.60 14.21 -0.93
C PHE B 385 26.72 14.46 -2.15
N THR B 386 25.42 14.22 -1.98
CA THR B 386 24.47 14.42 -3.08
C THR B 386 24.56 15.83 -3.63
N VAL B 387 24.55 16.82 -2.75
CA VAL B 387 24.63 18.22 -3.15
C VAL B 387 26.01 18.56 -3.68
N HIS B 388 27.02 17.84 -3.20
CA HIS B 388 28.39 18.08 -3.62
C HIS B 388 28.57 17.74 -5.10
N ASP B 389 28.16 16.54 -5.49
CA ASP B 389 28.26 16.11 -6.87
C ASP B 389 27.52 17.02 -7.82
N ILE B 390 26.31 17.42 -7.43
CA ILE B 390 25.49 18.31 -8.25
C ILE B 390 26.24 19.61 -8.49
N LEU B 391 27.18 19.93 -7.60
CA LEU B 391 27.98 21.15 -7.71
C LEU B 391 29.34 20.84 -8.33
C1 IGP C . -2.92 -20.35 -6.03
P IGP C . -0.87 -21.65 -4.95
OP1 IGP C . 0.11 -20.74 -5.79
OP2 IGP C . -1.07 -23.07 -5.74
OP3 IGP C . -0.30 -22.04 -3.58
OP4 IGP C . -2.31 -20.97 -4.82
C2 IGP C . -2.78 -18.82 -5.89
O2 IGP C . -1.43 -18.43 -6.12
C3 IGP C . -3.70 -18.05 -6.87
O3 IGP C . -5.10 -18.40 -6.69
CG IGP C . -3.48 -16.54 -6.64
CD2 IGP C . -4.00 -15.72 -5.54
CE2 IGP C . -3.51 -14.41 -5.79
CE3 IGP C . -4.78 -15.96 -4.33
CD1 IGP C . -2.81 -15.74 -7.45
NE1 IGP C . -2.83 -14.42 -6.90
CZ2 IGP C . -3.79 -13.29 -4.94
CZ3 IGP C . -5.06 -14.80 -3.45
CH2 IGP C . -4.56 -13.51 -3.76
NA NA D . 4.32 11.26 -2.50
N1 PLP E . 11.66 14.68 5.65
C2 PLP E . 12.70 13.93 6.12
C2A PLP E . 13.91 14.64 6.79
C3 PLP E . 12.71 12.57 5.95
O3 PLP E . 13.78 11.80 6.43
C4 PLP E . 11.64 11.95 5.33
C4A PLP E . 11.64 10.37 5.16
C5 PLP E . 10.60 12.72 4.84
C6 PLP E . 10.60 14.07 5.03
C5A PLP E . 9.40 12.06 4.03
O4P PLP E . 8.31 11.66 4.84
P PLP E . 6.93 12.27 5.15
O1P PLP E . 6.42 12.92 3.90
O2P PLP E . 7.24 13.23 6.24
O3P PLP E . 6.26 11.03 5.55
#